data_7Q52
#
_entry.id   7Q52
#
_cell.length_a   77.327
_cell.length_b   37.016
_cell.length_c   106.781
_cell.angle_alpha   90.000
_cell.angle_beta   105.500
_cell.angle_gamma   90.000
#
_symmetry.space_group_name_H-M   'C 1 2 1'
#
loop_
_entity.id
_entity.type
_entity.pdbx_description
1 polymer 'Serine/threonine-protein kinase PknG'
2 non-polymer 'FE (III) ION'
3 non-polymer 2-azanyl-3-(4-fluorophenyl)carbonyl-indolizine-1-carboxamide
4 non-polymer 'SODIUM ION'
5 water water
#
_entity_poly.entity_id   1
_entity_poly.type   'polypeptide(L)'
_entity_poly.pdbx_seq_one_letter_code
;GLGGGLVEIPRAPDIDPLEALMTNPVVPESKRFCWNCGRPVGRSDSETKGASEGWCPYCGSPYSFLPQLNPGDIVAGQYE
VKGCIAHGGLGWIYLALDRNVNGRPVVLKGLVHSGDAEAQAMAMAERQFLAEVVHPSIVQIFNFVEHTDRHGDPVGYIVM
EYVGGQSLKRSKGQKLPVAEAIAYLLEILPALSYLHSIGLVYNDLKPENIMLTEEQLKLIDLGAVSRINSFGYLYGTPGF
QAPEIVRTGPTVATDIYTVGRTLAALTLDLPTRNGRYVDGLPEDDPVLKTYDSYGRLLRRAIDPDPRQRFTTAEEMSAQL
TGVLREVVAQDTG
;
_entity_poly.pdbx_strand_id   AAA
#
# COMPACT_ATOMS: atom_id res chain seq x y z
N ILE A 15 -22.08 9.46 -19.36
CA ILE A 15 -22.52 10.87 -19.11
C ILE A 15 -21.36 11.68 -18.53
N ASP A 16 -21.28 11.76 -17.19
CA ASP A 16 -20.23 12.56 -16.55
C ASP A 16 -18.97 11.72 -16.35
N PRO A 17 -17.79 12.20 -16.79
CA PRO A 17 -16.57 11.39 -16.84
C PRO A 17 -16.06 10.98 -15.47
N LEU A 18 -16.47 11.74 -14.43
CA LEU A 18 -15.92 11.52 -13.11
C LEU A 18 -16.63 10.33 -12.44
N GLU A 19 -17.92 10.15 -12.75
CA GLU A 19 -18.72 9.03 -12.25
C GLU A 19 -18.00 7.71 -12.48
N ALA A 20 -17.24 7.62 -13.57
CA ALA A 20 -16.61 6.39 -14.03
C ALA A 20 -15.43 6.00 -13.12
N LEU A 21 -14.73 7.00 -12.59
CA LEU A 21 -13.57 6.78 -11.71
C LEU A 21 -14.03 6.28 -10.35
N MET A 22 -15.32 6.49 -10.06
CA MET A 22 -15.86 6.29 -8.73
C MET A 22 -16.66 4.99 -8.67
N THR A 23 -16.99 4.59 -7.44
CA THR A 23 -17.66 3.33 -7.16
C THR A 23 -18.84 3.58 -6.23
N ASN A 24 -19.75 2.60 -6.21
CA ASN A 24 -20.93 2.66 -5.37
C ASN A 24 -20.50 2.66 -3.91
N PRO A 25 -20.94 3.65 -3.10
CA PRO A 25 -20.51 3.80 -1.72
C PRO A 25 -21.22 2.91 -0.70
N VAL A 26 -21.14 1.60 -0.93
CA VAL A 26 -21.59 0.59 0.02
C VAL A 26 -20.53 -0.51 0.02
N VAL A 27 -20.14 -0.98 1.20
CA VAL A 27 -19.32 -2.17 1.25
C VAL A 27 -20.27 -3.36 1.23
N PRO A 28 -20.15 -4.25 0.22
CA PRO A 28 -21.07 -5.40 0.11
C PRO A 28 -20.72 -6.30 1.28
N GLU A 29 -21.71 -7.05 1.74
CA GLU A 29 -21.66 -7.72 3.03
C GLU A 29 -20.48 -8.69 3.06
N SER A 30 -20.15 -9.22 1.87
CA SER A 30 -19.12 -10.23 1.66
C SER A 30 -17.79 -9.73 2.19
N LYS A 31 -17.54 -8.44 1.98
CA LYS A 31 -16.23 -7.83 2.17
C LYS A 31 -16.15 -7.16 3.55
N ARG A 32 -17.22 -7.26 4.35
CA ARG A 32 -17.30 -6.54 5.63
C ARG A 32 -16.66 -7.35 6.75
N PHE A 33 -15.58 -6.83 7.33
CA PHE A 33 -14.90 -7.49 8.44
C PHE A 33 -14.53 -6.45 9.49
N CYS A 34 -14.30 -6.91 10.73
CA CYS A 34 -13.82 -6.02 11.79
C CYS A 34 -12.36 -5.68 11.50
N TRP A 35 -11.94 -4.46 11.88
CA TRP A 35 -10.56 -4.04 11.64
C TRP A 35 -9.66 -4.58 12.74
N ASN A 36 -10.27 -5.00 13.87
CA ASN A 36 -9.51 -5.42 15.04
C ASN A 36 -9.44 -6.94 15.15
N CYS A 37 -10.33 -7.67 14.45
CA CYS A 37 -10.35 -9.11 14.66
C CYS A 37 -10.62 -9.92 13.39
N GLY A 38 -10.99 -9.27 12.30
CA GLY A 38 -11.11 -9.94 11.02
C GLY A 38 -12.44 -10.67 10.81
N ARG A 39 -13.25 -10.73 11.88
CA ARG A 39 -14.53 -11.44 11.86
C ARG A 39 -15.55 -10.68 11.04
N PRO A 40 -16.43 -11.39 10.29
CA PRO A 40 -17.40 -10.76 9.39
C PRO A 40 -18.57 -10.05 10.06
N VAL A 41 -18.27 -8.90 10.66
CA VAL A 41 -19.25 -7.97 11.21
C VAL A 41 -20.08 -7.35 10.09
N GLY A 42 -21.17 -6.67 10.49
CA GLY A 42 -22.09 -6.04 9.56
C GLY A 42 -22.90 -7.05 8.76
N ARG A 43 -22.98 -8.29 9.26
CA ARG A 43 -23.60 -9.41 8.57
C ARG A 43 -25.11 -9.43 8.86
N GLY A 50 -27.26 -6.80 10.02
CA GLY A 50 -26.71 -6.12 8.82
C GLY A 50 -26.42 -4.64 9.08
N ALA A 51 -26.05 -4.32 10.32
CA ALA A 51 -25.78 -2.94 10.71
C ALA A 51 -24.50 -2.42 10.05
N SER A 52 -24.61 -1.25 9.41
CA SER A 52 -23.52 -0.69 8.61
C SER A 52 -22.47 -0.07 9.51
N GLU A 53 -22.91 0.38 10.69
CA GLU A 53 -21.99 0.89 11.70
C GLU A 53 -22.47 0.43 13.06
N GLY A 54 -21.58 0.52 14.05
CA GLY A 54 -21.87 0.00 15.37
C GLY A 54 -20.60 -0.53 16.01
N TRP A 55 -20.77 -1.45 16.95
CA TRP A 55 -19.65 -2.05 17.62
C TRP A 55 -19.64 -3.55 17.31
N CYS A 56 -18.43 -4.09 17.09
CA CYS A 56 -18.20 -5.49 16.79
C CYS A 56 -18.68 -6.35 17.95
N PRO A 57 -19.57 -7.33 17.67
CA PRO A 57 -20.11 -8.19 18.74
C PRO A 57 -19.04 -9.04 19.44
N TYR A 58 -17.86 -9.13 18.81
CA TYR A 58 -16.90 -10.15 19.19
C TYR A 58 -15.63 -9.55 19.79
N CYS A 59 -15.42 -8.22 19.66
CA CYS A 59 -14.21 -7.60 20.18
C CYS A 59 -14.46 -6.21 20.76
N GLY A 60 -15.65 -5.65 20.51
CA GLY A 60 -16.06 -4.40 21.14
C GLY A 60 -15.45 -3.18 20.46
N SER A 61 -14.76 -3.41 19.34
CA SER A 61 -14.20 -2.34 18.54
C SER A 61 -15.32 -1.64 17.77
N PRO A 62 -15.27 -0.29 17.62
CA PRO A 62 -16.25 0.43 16.81
C PRO A 62 -15.94 0.15 15.36
N TYR A 63 -16.98 0.17 14.51
CA TYR A 63 -16.78 0.10 13.08
C TYR A 63 -17.84 0.94 12.39
N SER A 64 -17.49 1.47 11.21
CA SER A 64 -18.46 2.01 10.27
C SER A 64 -18.02 1.68 8.85
N PHE A 65 -18.93 1.18 8.02
CA PHE A 65 -18.66 1.00 6.59
C PHE A 65 -19.35 2.06 5.77
N LEU A 66 -19.92 3.07 6.43
CA LEU A 66 -20.56 4.17 5.72
C LEU A 66 -19.52 5.23 5.38
N PRO A 67 -19.63 5.88 4.20
CA PRO A 67 -18.75 7.00 3.88
C PRO A 67 -18.95 8.16 4.86
N GLN A 68 -17.82 8.74 5.29
CA GLN A 68 -17.78 9.78 6.31
C GLN A 68 -17.84 11.16 5.66
N LEU A 69 -17.60 11.21 4.34
CA LEU A 69 -17.77 12.41 3.54
C LEU A 69 -18.73 12.09 2.42
N ASN A 70 -19.58 13.05 2.03
CA ASN A 70 -20.59 12.79 1.01
C ASN A 70 -20.41 13.77 -0.15
N PRO A 71 -20.85 13.43 -1.38
CA PRO A 71 -20.72 14.35 -2.51
C PRO A 71 -21.31 15.71 -2.18
N GLY A 72 -20.53 16.78 -2.45
CA GLY A 72 -20.98 18.13 -2.18
C GLY A 72 -20.29 18.71 -0.96
N ASP A 73 -19.98 17.87 0.03
CA ASP A 73 -19.29 18.33 1.23
C ASP A 73 -17.97 18.99 0.82
N ILE A 74 -17.62 20.07 1.53
CA ILE A 74 -16.40 20.79 1.26
C ILE A 74 -15.58 20.80 2.54
N VAL A 75 -14.39 20.19 2.43
CA VAL A 75 -13.45 19.97 3.53
C VAL A 75 -12.44 21.10 3.58
N ALA A 76 -12.29 21.73 4.76
CA ALA A 76 -11.35 22.84 4.99
C ALA A 76 -11.52 23.95 3.96
N GLY A 77 -12.76 24.12 3.46
CA GLY A 77 -13.11 25.13 2.46
C GLY A 77 -12.29 25.04 1.16
N GLN A 78 -11.62 23.90 0.93
CA GLN A 78 -10.73 23.77 -0.21
C GLN A 78 -11.10 22.53 -1.05
N TYR A 79 -11.59 21.48 -0.38
CA TYR A 79 -11.72 20.20 -1.05
C TYR A 79 -13.20 19.88 -1.18
N GLU A 80 -13.67 19.84 -2.43
CA GLU A 80 -15.06 19.51 -2.69
C GLU A 80 -15.13 18.00 -3.00
N VAL A 81 -15.83 17.26 -2.14
CA VAL A 81 -15.91 15.80 -2.25
C VAL A 81 -16.88 15.39 -3.36
N LYS A 82 -16.49 14.40 -4.17
CA LYS A 82 -17.33 13.95 -5.29
C LYS A 82 -17.87 12.54 -5.09
N GLY A 83 -17.40 11.86 -4.03
CA GLY A 83 -17.72 10.46 -3.78
C GLY A 83 -16.47 9.58 -3.64
N CYS A 84 -16.67 8.26 -3.71
CA CYS A 84 -15.67 7.29 -3.30
C CYS A 84 -15.07 6.54 -4.49
N ILE A 85 -13.85 6.02 -4.31
CA ILE A 85 -13.13 5.32 -5.36
C ILE A 85 -12.71 3.92 -4.94
N ALA A 86 -12.59 3.69 -3.62
CA ALA A 86 -12.25 2.39 -3.07
C ALA A 86 -12.46 2.38 -1.55
N HIS A 87 -12.37 1.18 -0.97
CA HIS A 87 -12.51 0.92 0.45
C HIS A 87 -11.40 -0.05 0.87
N GLY A 88 -10.71 0.24 1.98
CA GLY A 88 -9.54 -0.52 2.37
C GLY A 88 -9.36 -0.57 3.89
N GLY A 89 -8.09 -0.66 4.33
CA GLY A 89 -7.72 -0.91 5.71
C GLY A 89 -8.33 0.07 6.72
N LEU A 90 -8.40 1.35 6.34
CA LEU A 90 -8.83 2.44 7.22
C LEU A 90 -10.20 2.96 6.83
N GLY A 91 -10.82 2.36 5.81
CA GLY A 91 -12.12 2.82 5.35
C GLY A 91 -12.08 3.30 3.92
N TRP A 92 -12.95 4.26 3.62
CA TRP A 92 -13.18 4.71 2.26
C TRP A 92 -12.05 5.63 1.81
N ILE A 93 -11.77 5.59 0.51
CA ILE A 93 -10.90 6.54 -0.18
C ILE A 93 -11.80 7.51 -0.95
N TYR A 94 -11.75 8.81 -0.61
CA TYR A 94 -12.61 9.79 -1.28
C TYR A 94 -11.86 10.51 -2.40
N LEU A 95 -12.62 10.88 -3.44
CA LEU A 95 -12.12 11.73 -4.52
C LEU A 95 -12.74 13.12 -4.36
N ALA A 96 -11.89 14.16 -4.43
CA ALA A 96 -12.34 15.53 -4.27
C ALA A 96 -11.64 16.39 -5.30
N LEU A 97 -12.26 17.53 -5.65
CA LEU A 97 -11.63 18.55 -6.48
C LEU A 97 -10.96 19.58 -5.56
N ASP A 98 -9.72 19.98 -5.90
CA ASP A 98 -8.99 20.96 -5.11
C ASP A 98 -9.29 22.35 -5.70
N ARG A 99 -10.09 23.15 -5.00
CA ARG A 99 -10.62 24.40 -5.54
C ARG A 99 -9.55 25.49 -5.54
N ASN A 100 -8.35 25.18 -5.03
CA ASN A 100 -7.23 26.08 -5.17
C ASN A 100 -6.52 25.80 -6.49
N VAL A 101 -6.21 24.51 -6.72
CA VAL A 101 -5.32 24.08 -7.78
C VAL A 101 -6.14 23.66 -9.00
N ASN A 102 -7.06 24.53 -9.45
CA ASN A 102 -7.68 24.41 -10.76
C ASN A 102 -8.62 23.20 -10.79
N GLY A 103 -9.25 22.89 -9.65
CA GLY A 103 -10.21 21.82 -9.53
C GLY A 103 -9.70 20.46 -10.01
N ARG A 104 -8.37 20.25 -9.91
CA ARG A 104 -7.75 18.96 -10.17
C ARG A 104 -8.21 17.99 -9.08
N PRO A 105 -8.50 16.73 -9.47
CA PRO A 105 -8.85 15.69 -8.50
C PRO A 105 -7.69 15.33 -7.58
N VAL A 106 -8.03 15.07 -6.32
CA VAL A 106 -7.12 14.58 -5.29
C VAL A 106 -7.86 13.50 -4.52
N VAL A 107 -7.12 12.79 -3.66
CA VAL A 107 -7.69 11.72 -2.86
C VAL A 107 -7.64 12.10 -1.38
N LEU A 108 -8.74 11.82 -0.66
CA LEU A 108 -8.81 11.95 0.78
C LEU A 108 -8.95 10.56 1.42
N LYS A 109 -8.01 10.24 2.33
CA LYS A 109 -8.05 9.03 3.15
C LYS A 109 -8.00 9.47 4.60
N GLY A 110 -8.66 8.69 5.47
CA GLY A 110 -8.70 8.91 6.90
C GLY A 110 -7.36 8.58 7.53
N LEU A 111 -7.27 8.70 8.87
CA LEU A 111 -5.99 8.54 9.52
C LEU A 111 -6.05 7.47 10.61
N VAL A 112 -7.15 7.43 11.36
CA VAL A 112 -7.33 6.40 12.39
C VAL A 112 -8.81 6.00 12.41
N HIS A 113 -9.07 4.72 12.76
CA HIS A 113 -10.42 4.20 12.82
C HIS A 113 -11.28 5.03 13.78
N SER A 114 -10.67 5.45 14.89
CA SER A 114 -11.34 6.34 15.84
C SER A 114 -10.30 7.10 16.68
N GLY A 115 -10.77 8.18 17.29
CA GLY A 115 -10.08 8.92 18.33
C GLY A 115 -10.97 10.07 18.79
N ASP A 116 -10.59 10.69 19.90
CA ASP A 116 -11.22 11.96 20.25
C ASP A 116 -10.58 13.07 19.40
N ALA A 117 -11.03 14.30 19.64
CA ALA A 117 -10.56 15.51 18.97
C ALA A 117 -9.04 15.67 19.11
N GLU A 118 -8.49 15.15 20.21
CA GLU A 118 -7.07 15.25 20.51
C GLU A 118 -6.28 14.22 19.71
N ALA A 119 -6.85 13.00 19.62
CA ALA A 119 -6.20 11.85 19.01
C ALA A 119 -6.01 12.07 17.52
N GLN A 120 -7.04 12.59 16.85
CA GLN A 120 -7.03 12.95 15.44
C GLN A 120 -5.91 13.97 15.19
N ALA A 121 -5.91 15.03 16.02
CA ALA A 121 -4.94 16.10 15.95
C ALA A 121 -3.53 15.55 16.15
N MET A 122 -3.40 14.56 17.04
CA MET A 122 -2.12 13.90 17.29
C MET A 122 -1.73 13.07 16.07
N ALA A 123 -2.69 12.29 15.57
CA ALA A 123 -2.49 11.39 14.43
C ALA A 123 -1.85 12.12 13.24
N MET A 124 -2.26 13.38 13.00
CA MET A 124 -1.80 14.17 11.88
C MET A 124 -0.34 14.60 12.06
N ALA A 125 0.01 14.97 13.31
CA ALA A 125 1.36 15.33 13.69
C ALA A 125 2.33 14.14 13.56
N GLU A 126 1.84 12.93 13.87
CA GLU A 126 2.67 11.75 13.77
C GLU A 126 3.01 11.48 12.30
N ARG A 127 2.20 12.01 11.38
CA ARG A 127 2.29 11.70 9.96
C ARG A 127 2.70 12.92 9.13
N GLN A 128 2.91 14.07 9.79
CA GLN A 128 3.11 15.35 9.12
C GLN A 128 4.39 15.36 8.29
N PHE A 129 5.36 14.51 8.66
CA PHE A 129 6.68 14.50 8.03
C PHE A 129 6.64 13.97 6.60
N LEU A 130 5.55 13.26 6.24
CA LEU A 130 5.40 12.64 4.93
C LEU A 130 5.34 13.70 3.83
N ALA A 131 5.04 14.94 4.25
CA ALA A 131 5.01 16.09 3.35
C ALA A 131 6.25 16.09 2.45
N GLU A 132 7.42 15.84 3.06
CA GLU A 132 8.73 16.10 2.49
C GLU A 132 9.13 15.03 1.49
N VAL A 133 8.37 13.92 1.47
CA VAL A 133 8.66 12.79 0.59
C VAL A 133 8.32 13.20 -0.84
N VAL A 134 9.34 13.32 -1.69
CA VAL A 134 9.16 13.84 -3.04
C VAL A 134 9.98 13.00 -4.03
N HIS A 135 9.27 12.19 -4.83
CA HIS A 135 9.88 11.30 -5.81
C HIS A 135 8.84 10.99 -6.89
N PRO A 136 9.24 10.95 -8.18
CA PRO A 136 8.27 10.75 -9.27
C PRO A 136 7.43 9.47 -9.17
N SER A 137 7.88 8.48 -8.37
CA SER A 137 7.25 7.17 -8.37
C SER A 137 6.58 6.87 -7.03
N ILE A 138 6.32 7.93 -6.27
CA ILE A 138 5.58 7.83 -5.03
C ILE A 138 4.44 8.85 -5.10
N VAL A 139 3.24 8.46 -4.63
CA VAL A 139 2.15 9.41 -4.49
C VAL A 139 2.68 10.65 -3.78
N GLN A 140 2.26 11.81 -4.26
CA GLN A 140 2.51 13.03 -3.54
C GLN A 140 1.41 13.22 -2.49
N ILE A 141 1.84 13.46 -1.25
CA ILE A 141 0.99 14.00 -0.21
C ILE A 141 0.98 15.51 -0.44
N PHE A 142 -0.22 16.11 -0.45
CA PHE A 142 -0.37 17.55 -0.62
C PHE A 142 -0.61 18.25 0.72
N ASN A 143 -1.44 17.65 1.57
CA ASN A 143 -2.01 18.40 2.69
C ASN A 143 -2.60 17.46 3.74
N PHE A 144 -2.77 17.98 4.96
CA PHE A 144 -3.42 17.31 6.07
C PHE A 144 -4.46 18.27 6.63
N VAL A 145 -5.71 17.79 6.76
CA VAL A 145 -6.83 18.70 6.97
C VAL A 145 -7.81 18.11 7.99
N GLU A 146 -8.50 19.00 8.72
CA GLU A 146 -9.55 18.57 9.62
C GLU A 146 -10.92 18.80 8.97
N HIS A 147 -11.83 17.86 9.21
CA HIS A 147 -13.22 18.09 8.86
C HIS A 147 -14.09 17.81 10.07
N THR A 148 -14.92 18.79 10.41
CA THR A 148 -15.94 18.63 11.44
C THR A 148 -17.14 17.93 10.81
N ASP A 149 -17.30 16.66 11.15
CA ASP A 149 -18.39 15.84 10.64
C ASP A 149 -19.72 16.31 11.25
N ARG A 150 -20.81 15.63 10.87
CA ARG A 150 -22.16 16.05 11.25
C ARG A 150 -22.32 16.10 12.77
N HIS A 151 -21.38 15.50 13.50
CA HIS A 151 -21.52 15.35 14.95
C HIS A 151 -20.58 16.28 15.71
N GLY A 152 -20.07 17.32 15.04
CA GLY A 152 -19.17 18.28 15.65
C GLY A 152 -17.79 17.68 15.96
N ASP A 153 -17.67 16.36 15.82
CA ASP A 153 -16.41 15.64 15.99
C ASP A 153 -15.49 15.94 14.82
N PRO A 154 -14.21 16.29 15.09
CA PRO A 154 -13.25 16.56 14.02
C PRO A 154 -12.55 15.27 13.57
N VAL A 155 -12.38 15.14 12.25
CA VAL A 155 -11.76 13.95 11.70
C VAL A 155 -10.62 14.37 10.78
N GLY A 156 -9.46 13.74 10.99
CA GLY A 156 -8.27 14.02 10.20
C GLY A 156 -8.26 13.21 8.91
N TYR A 157 -7.96 13.91 7.81
CA TYR A 157 -7.79 13.37 6.48
C TYR A 157 -6.43 13.77 5.93
N ILE A 158 -5.78 12.81 5.26
CA ILE A 158 -4.61 13.10 4.46
C ILE A 158 -5.10 13.37 3.02
N VAL A 159 -4.52 14.41 2.40
CA VAL A 159 -4.82 14.78 1.03
C VAL A 159 -3.63 14.34 0.17
N MET A 160 -3.92 13.59 -0.88
CA MET A 160 -2.85 13.05 -1.70
C MET A 160 -3.24 13.04 -3.17
N GLU A 161 -2.21 12.84 -3.99
CA GLU A 161 -2.32 12.80 -5.44
C GLU A 161 -3.28 11.69 -5.84
N TYR A 162 -4.22 12.01 -6.74
CA TYR A 162 -5.03 11.00 -7.37
C TYR A 162 -4.24 10.41 -8.54
N VAL A 163 -3.84 9.15 -8.35
CA VAL A 163 -3.16 8.37 -9.37
C VAL A 163 -4.20 7.43 -9.96
N GLY A 164 -4.60 7.71 -11.20
CA GLY A 164 -5.55 6.84 -11.89
C GLY A 164 -4.83 5.61 -12.43
N GLY A 165 -5.37 4.42 -12.14
CA GLY A 165 -4.91 3.21 -12.79
C GLY A 165 -5.33 1.97 -12.01
N GLN A 166 -4.59 0.88 -12.17
CA GLN A 166 -4.85 -0.36 -11.47
C GLN A 166 -3.62 -0.78 -10.68
N SER A 167 -3.83 -1.60 -9.65
CA SER A 167 -2.72 -2.12 -8.87
C SER A 167 -2.13 -3.33 -9.59
N LEU A 168 -0.87 -3.66 -9.27
CA LEU A 168 -0.22 -4.82 -9.86
C LEU A 168 -0.77 -6.11 -9.25
N LYS A 169 -1.73 -5.99 -8.32
CA LYS A 169 -2.36 -7.14 -7.70
C LYS A 169 -2.78 -8.15 -8.78
N ARG A 170 -2.09 -9.30 -8.82
CA ARG A 170 -2.43 -10.40 -9.71
C ARG A 170 -2.74 -11.66 -8.91
N SER A 171 -3.94 -12.22 -9.11
CA SER A 171 -4.33 -13.50 -8.53
C SER A 171 -3.80 -14.67 -9.36
N LYS A 172 -4.18 -15.89 -8.96
CA LYS A 172 -3.50 -17.11 -9.35
C LYS A 172 -3.40 -17.26 -10.87
N GLY A 173 -4.44 -16.89 -11.61
CA GLY A 173 -4.47 -17.16 -13.03
C GLY A 173 -3.99 -16.01 -13.90
N GLN A 174 -3.43 -14.97 -13.27
CA GLN A 174 -3.04 -13.78 -14.01
C GLN A 174 -1.63 -13.32 -13.62
N LYS A 175 -0.77 -14.27 -13.21
CA LYS A 175 0.60 -13.95 -12.79
C LYS A 175 1.38 -13.35 -13.95
N LEU A 176 2.14 -12.28 -13.67
CA LEU A 176 2.95 -11.58 -14.65
C LEU A 176 4.11 -12.45 -15.14
N PRO A 177 4.43 -12.43 -16.46
CA PRO A 177 5.70 -12.98 -16.92
C PRO A 177 6.80 -12.24 -16.15
N VAL A 178 7.94 -12.93 -15.99
CA VAL A 178 9.00 -12.49 -15.13
C VAL A 178 9.62 -11.20 -15.66
N ALA A 179 9.82 -11.14 -16.98
CA ALA A 179 10.40 -9.97 -17.62
C ALA A 179 9.65 -8.70 -17.23
N GLU A 180 8.31 -8.78 -17.21
CA GLU A 180 7.43 -7.64 -16.98
C GLU A 180 7.49 -7.21 -15.51
N ALA A 181 7.42 -8.20 -14.60
CA ALA A 181 7.43 -7.95 -13.17
C ALA A 181 8.75 -7.31 -12.76
N ILE A 182 9.88 -7.87 -13.23
CA ILE A 182 11.21 -7.32 -13.04
C ILE A 182 11.24 -5.87 -13.51
N ALA A 183 10.64 -5.62 -14.69
CA ALA A 183 10.65 -4.28 -15.27
C ALA A 183 9.98 -3.31 -14.31
N TYR A 184 8.85 -3.75 -13.74
CA TYR A 184 8.08 -2.94 -12.81
C TYR A 184 8.91 -2.63 -11.57
N LEU A 185 9.46 -3.65 -10.92
CA LEU A 185 10.18 -3.45 -9.67
C LEU A 185 11.48 -2.66 -9.87
N LEU A 186 12.04 -2.74 -11.09
CA LEU A 186 13.21 -1.92 -11.40
C LEU A 186 12.81 -0.45 -11.40
N GLU A 187 11.53 -0.18 -11.69
CA GLU A 187 11.03 1.19 -11.64
C GLU A 187 10.76 1.62 -10.20
N ILE A 188 10.57 0.63 -9.30
CA ILE A 188 10.17 0.88 -7.92
C ILE A 188 11.39 1.03 -7.00
N LEU A 189 12.39 0.15 -7.17
CA LEU A 189 13.60 0.19 -6.37
C LEU A 189 14.19 1.61 -6.21
N PRO A 190 14.37 2.41 -7.28
CA PRO A 190 14.81 3.80 -7.12
C PRO A 190 14.04 4.50 -6.01
N ALA A 191 12.70 4.33 -5.99
CA ALA A 191 11.88 5.04 -5.02
C ALA A 191 12.25 4.59 -3.60
N LEU A 192 12.52 3.30 -3.44
CA LEU A 192 12.98 2.81 -2.15
C LEU A 192 14.34 3.43 -1.80
N SER A 193 15.28 3.43 -2.75
CA SER A 193 16.58 4.04 -2.53
C SER A 193 16.39 5.45 -1.99
N TYR A 194 15.56 6.22 -2.70
CA TYR A 194 15.26 7.59 -2.31
C TYR A 194 14.82 7.64 -0.86
N LEU A 195 13.82 6.83 -0.52
CA LEU A 195 13.32 6.83 0.84
C LEU A 195 14.48 6.56 1.78
N HIS A 196 15.17 5.43 1.56
CA HIS A 196 16.33 5.04 2.34
C HIS A 196 17.29 6.21 2.50
N SER A 197 17.43 7.00 1.43
CA SER A 197 18.40 8.08 1.38
C SER A 197 18.05 9.19 2.35
N ILE A 198 16.76 9.32 2.68
CA ILE A 198 16.30 10.40 3.54
C ILE A 198 15.91 9.86 4.91
N GLY A 199 16.24 8.58 5.17
CA GLY A 199 16.15 8.00 6.49
C GLY A 199 14.82 7.29 6.74
N LEU A 200 14.16 6.87 5.64
CA LEU A 200 12.81 6.34 5.64
C LEU A 200 12.77 4.95 4.98
N VAL A 201 11.78 4.15 5.37
CA VAL A 201 11.50 2.86 4.74
C VAL A 201 10.01 2.82 4.38
N TYR A 202 9.68 2.16 3.26
CA TYR A 202 8.32 1.93 2.83
C TYR A 202 7.95 0.52 3.24
N ASN A 203 7.28 0.36 4.37
CA ASN A 203 7.27 -0.95 5.00
C ASN A 203 6.27 -1.89 4.34
N ASP A 204 5.48 -1.37 3.38
CA ASP A 204 4.31 -2.11 2.95
C ASP A 204 4.33 -2.35 1.45
N LEU A 205 5.47 -2.86 0.94
CA LEU A 205 5.51 -3.10 -0.49
C LEU A 205 4.79 -4.40 -0.77
N LYS A 206 3.85 -4.35 -1.72
CA LYS A 206 3.15 -5.53 -2.18
C LYS A 206 2.41 -5.16 -3.46
N PRO A 207 2.06 -6.14 -4.32
CA PRO A 207 1.41 -5.83 -5.60
C PRO A 207 0.28 -4.81 -5.49
N GLU A 208 -0.57 -4.93 -4.46
N GLU A 208 -0.52 -4.96 -4.43
CA GLU A 208 -1.75 -4.08 -4.43
CA GLU A 208 -1.72 -4.17 -4.19
C GLU A 208 -1.37 -2.64 -4.09
C GLU A 208 -1.38 -2.70 -4.01
N ASN A 209 -0.11 -2.41 -3.69
CA ASN A 209 0.32 -1.06 -3.34
C ASN A 209 1.09 -0.38 -4.47
N ILE A 210 1.24 -1.08 -5.61
CA ILE A 210 1.91 -0.50 -6.77
C ILE A 210 0.87 -0.29 -7.86
N MET A 211 0.77 0.94 -8.35
CA MET A 211 -0.26 1.29 -9.31
C MET A 211 0.37 1.47 -10.68
N LEU A 212 -0.21 0.79 -11.68
CA LEU A 212 0.24 0.95 -13.06
C LEU A 212 -0.75 1.87 -13.78
N THR A 213 -0.28 3.09 -14.07
CA THR A 213 -1.05 4.07 -14.82
C THR A 213 -0.61 4.00 -16.27
N GLU A 214 -1.28 4.79 -17.12
CA GLU A 214 -1.06 4.83 -18.55
C GLU A 214 0.32 5.39 -18.87
N GLU A 215 0.94 6.03 -17.87
CA GLU A 215 2.29 6.57 -17.99
C GLU A 215 3.27 5.69 -17.22
N GLN A 216 3.12 5.62 -15.89
CA GLN A 216 4.17 5.11 -15.01
C GLN A 216 3.61 4.30 -13.85
N LEU A 217 4.52 3.78 -13.02
CA LEU A 217 4.16 3.12 -11.76
C LEU A 217 4.22 4.14 -10.63
N LYS A 218 3.34 3.97 -9.63
CA LYS A 218 3.45 4.75 -8.42
C LYS A 218 3.18 3.86 -7.21
N LEU A 219 3.86 4.16 -6.10
CA LEU A 219 3.49 3.62 -4.81
C LEU A 219 2.43 4.51 -4.20
N ILE A 220 1.41 3.93 -3.53
CA ILE A 220 0.21 4.69 -3.21
C ILE A 220 -0.04 4.78 -1.70
N ASP A 221 0.43 3.80 -0.94
CA ASP A 221 0.01 3.72 0.46
C ASP A 221 1.19 4.07 1.34
N LEU A 222 1.10 5.22 2.02
CA LEU A 222 2.21 5.70 2.83
C LEU A 222 1.96 5.51 4.32
N GLY A 223 0.93 4.71 4.66
CA GLY A 223 0.52 4.48 6.04
C GLY A 223 1.54 3.69 6.85
N ALA A 224 2.45 2.98 6.16
CA ALA A 224 3.45 2.17 6.82
C ALA A 224 4.82 2.87 6.81
N VAL A 225 4.98 3.91 5.98
CA VAL A 225 6.28 4.58 5.90
C VAL A 225 6.74 4.94 7.32
N SER A 226 8.02 4.69 7.59
CA SER A 226 8.57 5.04 8.89
C SER A 226 10.04 5.44 8.74
N ARG A 227 10.66 5.80 9.87
CA ARG A 227 12.09 6.03 9.92
C ARG A 227 12.77 4.69 10.15
N ILE A 228 14.05 4.58 9.78
CA ILE A 228 14.76 3.37 10.13
C ILE A 228 14.92 3.36 11.65
N ASN A 229 14.53 2.23 12.26
CA ASN A 229 14.57 1.98 13.70
C ASN A 229 13.52 2.84 14.40
N SER A 230 12.42 3.07 13.67
CA SER A 230 11.20 3.70 14.15
C SER A 230 10.51 2.81 15.19
N PHE A 231 9.81 3.44 16.14
CA PHE A 231 9.27 2.75 17.29
C PHE A 231 8.34 1.62 16.84
N GLY A 232 8.51 0.44 17.46
CA GLY A 232 7.58 -0.64 17.23
C GLY A 232 7.88 -1.41 15.95
N TYR A 233 6.83 -2.08 15.42
CA TYR A 233 6.95 -3.16 14.45
C TYR A 233 5.67 -3.32 13.64
N LEU A 234 4.67 -2.47 13.95
CA LEU A 234 3.36 -2.57 13.32
C LEU A 234 3.40 -1.89 11.95
N TYR A 235 4.28 -2.41 11.10
CA TYR A 235 4.58 -1.83 9.80
C TYR A 235 4.45 -2.92 8.74
N GLY A 236 3.27 -3.00 8.12
CA GLY A 236 3.14 -3.69 6.86
C GLY A 236 2.45 -5.05 6.97
N THR A 237 2.11 -5.57 5.79
CA THR A 237 1.22 -6.70 5.59
C THR A 237 1.95 -8.01 5.84
N PRO A 238 1.41 -8.88 6.72
CA PRO A 238 1.90 -10.26 6.88
C PRO A 238 1.85 -11.06 5.59
N GLY A 239 2.83 -11.95 5.42
CA GLY A 239 3.10 -12.63 4.17
C GLY A 239 4.10 -11.86 3.32
N PHE A 240 4.36 -10.60 3.69
CA PHE A 240 5.33 -9.74 3.03
C PHE A 240 6.36 -9.20 4.03
N GLN A 241 5.95 -9.10 5.29
CA GLN A 241 6.82 -8.61 6.34
C GLN A 241 7.97 -9.57 6.55
N ALA A 242 9.18 -9.03 6.74
CA ALA A 242 10.33 -9.83 7.10
C ALA A 242 10.13 -10.43 8.49
N PRO A 243 10.61 -11.67 8.74
CA PRO A 243 10.40 -12.33 10.03
C PRO A 243 11.05 -11.63 11.23
N GLU A 244 12.07 -10.80 10.99
CA GLU A 244 12.89 -10.29 12.08
C GLU A 244 12.46 -8.89 12.48
N ILE A 245 11.32 -8.42 11.95
CA ILE A 245 11.01 -7.00 12.08
C ILE A 245 10.56 -6.65 13.50
N VAL A 246 10.14 -7.68 14.23
CA VAL A 246 9.79 -7.54 15.63
C VAL A 246 11.04 -7.14 16.41
N ARG A 247 12.16 -7.85 16.18
CA ARG A 247 13.36 -7.56 16.94
C ARG A 247 14.17 -6.44 16.31
N THR A 248 14.11 -6.26 14.98
CA THR A 248 15.02 -5.27 14.41
C THR A 248 14.31 -3.94 14.26
N GLY A 249 12.98 -3.99 14.19
CA GLY A 249 12.26 -2.83 13.70
C GLY A 249 12.46 -2.74 12.18
N PRO A 250 11.81 -1.75 11.51
CA PRO A 250 11.96 -1.55 10.07
C PRO A 250 13.38 -1.12 9.68
N THR A 251 13.94 -1.83 8.70
CA THR A 251 15.27 -1.55 8.16
C THR A 251 15.27 -1.71 6.65
N VAL A 252 16.38 -1.27 6.03
CA VAL A 252 16.57 -1.42 4.61
C VAL A 252 16.42 -2.90 4.29
N ALA A 253 16.90 -3.75 5.21
CA ALA A 253 16.89 -5.19 5.04
C ALA A 253 15.45 -5.73 4.97
N THR A 254 14.57 -5.15 5.78
CA THR A 254 13.18 -5.58 5.81
C THR A 254 12.46 -5.07 4.56
N ASP A 255 12.92 -3.95 3.99
CA ASP A 255 12.38 -3.47 2.73
C ASP A 255 12.77 -4.40 1.58
N ILE A 256 14.07 -4.75 1.53
CA ILE A 256 14.62 -5.66 0.54
C ILE A 256 13.77 -6.93 0.55
N TYR A 257 13.43 -7.42 1.76
CA TYR A 257 12.63 -8.63 1.89
C TYR A 257 11.27 -8.48 1.19
N THR A 258 10.56 -7.38 1.42
CA THR A 258 9.28 -7.11 0.77
C THR A 258 9.40 -7.14 -0.77
N VAL A 259 10.54 -6.70 -1.30
CA VAL A 259 10.77 -6.69 -2.73
C VAL A 259 10.78 -8.12 -3.25
N GLY A 260 11.57 -8.98 -2.60
CA GLY A 260 11.64 -10.39 -2.96
C GLY A 260 10.25 -11.03 -2.92
N ARG A 261 9.50 -10.68 -1.87
CA ARG A 261 8.15 -11.18 -1.68
C ARG A 261 7.26 -10.63 -2.79
N THR A 262 7.41 -9.33 -3.10
CA THR A 262 6.54 -8.72 -4.10
C THR A 262 6.77 -9.35 -5.47
N LEU A 263 8.05 -9.57 -5.80
CA LEU A 263 8.41 -10.24 -7.04
C LEU A 263 7.83 -11.65 -7.07
N ALA A 264 7.99 -12.37 -5.96
CA ALA A 264 7.40 -13.69 -5.77
C ALA A 264 5.90 -13.69 -6.05
N ALA A 265 5.18 -12.73 -5.47
CA ALA A 265 3.73 -12.69 -5.49
C ALA A 265 3.23 -12.34 -6.89
N LEU A 266 4.10 -11.74 -7.71
CA LEU A 266 3.67 -11.28 -9.02
C LEU A 266 3.85 -12.40 -10.03
N THR A 267 4.82 -13.28 -9.77
CA THR A 267 5.31 -14.17 -10.81
C THR A 267 5.05 -15.63 -10.48
N LEU A 268 4.96 -15.97 -9.19
CA LEU A 268 4.96 -17.37 -8.78
C LEU A 268 3.58 -17.78 -8.27
N ASP A 269 3.40 -19.10 -8.19
CA ASP A 269 2.20 -19.68 -7.59
C ASP A 269 2.47 -19.92 -6.11
N LEU A 270 2.02 -18.96 -5.30
CA LEU A 270 2.26 -18.98 -3.86
C LEU A 270 1.07 -19.61 -3.16
N PRO A 271 1.29 -20.64 -2.29
CA PRO A 271 0.23 -21.12 -1.41
C PRO A 271 -0.13 -20.09 -0.33
N THR A 272 -1.32 -20.27 0.25
CA THR A 272 -1.81 -19.40 1.30
C THR A 272 -2.09 -20.23 2.55
N ARG A 273 -2.15 -19.56 3.70
CA ARG A 273 -2.80 -20.05 4.90
C ARG A 273 -3.53 -18.89 5.55
N ASN A 274 -4.84 -19.06 5.75
CA ASN A 274 -5.71 -18.05 6.34
C ASN A 274 -5.49 -16.71 5.63
N GLY A 275 -5.53 -16.76 4.28
CA GLY A 275 -5.52 -15.57 3.43
C GLY A 275 -4.13 -14.98 3.21
N ARG A 276 -3.21 -15.32 4.13
CA ARG A 276 -1.84 -14.86 4.13
C ARG A 276 -1.01 -15.83 3.29
N TYR A 277 -0.02 -15.28 2.57
CA TYR A 277 0.93 -16.07 1.80
C TYR A 277 1.85 -16.78 2.79
N VAL A 278 2.30 -18.00 2.45
CA VAL A 278 3.20 -18.75 3.33
C VAL A 278 4.61 -18.20 3.19
N ASP A 279 5.41 -18.28 4.26
CA ASP A 279 6.82 -17.90 4.20
C ASP A 279 7.54 -18.86 3.26
N GLY A 280 8.68 -18.42 2.71
CA GLY A 280 9.47 -19.25 1.81
C GLY A 280 8.89 -19.27 0.40
N LEU A 281 9.38 -20.22 -0.41
CA LEU A 281 8.99 -20.33 -1.81
C LEU A 281 8.46 -21.74 -2.06
N PRO A 282 7.52 -21.91 -3.02
CA PRO A 282 7.23 -23.24 -3.57
C PRO A 282 8.47 -23.69 -4.36
N GLU A 283 9.35 -24.42 -3.67
CA GLU A 283 10.74 -24.59 -4.04
C GLU A 283 10.88 -25.37 -5.34
N ASP A 284 9.77 -25.94 -5.83
CA ASP A 284 9.82 -26.66 -7.10
C ASP A 284 8.88 -26.00 -8.10
N ASP A 285 8.93 -24.65 -8.17
CA ASP A 285 8.03 -23.89 -9.03
C ASP A 285 8.53 -23.93 -10.48
N PRO A 286 7.64 -24.14 -11.47
CA PRO A 286 8.03 -24.14 -12.89
C PRO A 286 8.87 -22.91 -13.23
N VAL A 287 8.31 -21.73 -12.94
CA VAL A 287 8.95 -20.46 -13.22
C VAL A 287 10.37 -20.49 -12.66
N LEU A 288 10.53 -21.08 -11.46
CA LEU A 288 11.78 -21.02 -10.74
C LEU A 288 12.83 -22.01 -11.27
N LYS A 289 12.39 -23.16 -11.79
CA LYS A 289 13.31 -24.08 -12.47
C LYS A 289 13.82 -23.41 -13.74
N THR A 290 12.98 -22.57 -14.33
CA THR A 290 13.20 -21.92 -15.62
C THR A 290 14.23 -20.79 -15.53
N TYR A 291 14.04 -19.85 -14.60
CA TYR A 291 14.89 -18.65 -14.52
C TYR A 291 15.86 -18.78 -13.34
N ASP A 292 16.96 -19.51 -13.58
CA ASP A 292 17.90 -19.95 -12.57
C ASP A 292 18.33 -18.80 -11.67
N SER A 293 18.66 -17.65 -12.29
CA SER A 293 19.29 -16.53 -11.60
C SER A 293 18.24 -15.66 -10.91
N TYR A 294 17.01 -15.64 -11.45
CA TYR A 294 15.89 -14.95 -10.83
C TYR A 294 15.58 -15.61 -9.50
N GLY A 295 15.44 -16.95 -9.53
CA GLY A 295 15.28 -17.77 -8.34
C GLY A 295 16.36 -17.51 -7.29
N ARG A 296 17.62 -17.42 -7.71
CA ARG A 296 18.70 -17.13 -6.78
C ARG A 296 18.51 -15.73 -6.19
N LEU A 297 18.07 -14.78 -7.01
CA LEU A 297 17.88 -13.41 -6.54
C LEU A 297 16.71 -13.35 -5.54
N LEU A 298 15.62 -14.04 -5.87
CA LEU A 298 14.48 -14.12 -4.98
C LEU A 298 14.93 -14.63 -3.61
N ARG A 299 15.69 -15.74 -3.63
CA ARG A 299 16.15 -16.43 -2.43
C ARG A 299 17.04 -15.51 -1.63
N ARG A 300 17.89 -14.76 -2.33
CA ARG A 300 18.81 -13.89 -1.61
C ARG A 300 17.95 -12.84 -0.91
N ALA A 301 16.94 -12.34 -1.63
CA ALA A 301 16.16 -11.20 -1.16
C ALA A 301 15.43 -11.51 0.13
N ILE A 302 14.85 -12.71 0.21
CA ILE A 302 13.96 -13.07 1.30
C ILE A 302 14.70 -13.94 2.33
N ASP A 303 16.04 -13.88 2.31
CA ASP A 303 16.83 -14.73 3.20
C ASP A 303 16.46 -14.43 4.64
N PRO A 304 16.22 -15.48 5.46
CA PRO A 304 15.84 -15.31 6.86
C PRO A 304 16.80 -14.39 7.61
N ASP A 305 18.09 -14.49 7.26
CA ASP A 305 19.13 -13.69 7.87
C ASP A 305 19.20 -12.36 7.13
N PRO A 306 18.84 -11.21 7.76
CA PRO A 306 18.87 -9.92 7.09
C PRO A 306 20.21 -9.60 6.40
N ARG A 307 21.29 -10.23 6.89
CA ARG A 307 22.63 -9.85 6.49
C ARG A 307 22.98 -10.49 5.14
N GLN A 308 22.26 -11.57 4.80
CA GLN A 308 22.47 -12.32 3.58
C GLN A 308 21.78 -11.66 2.39
N ARG A 309 20.80 -10.80 2.67
CA ARG A 309 20.08 -10.10 1.63
C ARG A 309 20.95 -8.96 1.08
N PHE A 310 20.53 -8.43 -0.07
CA PHE A 310 21.15 -7.28 -0.69
C PHE A 310 21.21 -6.16 0.35
N THR A 311 22.38 -5.52 0.45
CA THR A 311 22.62 -4.55 1.49
C THR A 311 21.90 -3.24 1.17
N THR A 312 21.67 -2.99 -0.13
CA THR A 312 21.02 -1.75 -0.53
C THR A 312 20.06 -2.01 -1.69
N ALA A 313 19.07 -1.12 -1.83
CA ALA A 313 18.10 -1.19 -2.91
C ALA A 313 18.80 -0.95 -4.24
N GLU A 314 19.79 -0.03 -4.22
CA GLU A 314 20.63 0.26 -5.36
C GLU A 314 21.40 -1.00 -5.76
N GLU A 315 22.05 -1.65 -4.78
CA GLU A 315 22.69 -2.94 -5.01
C GLU A 315 21.72 -3.97 -5.61
N MET A 316 20.52 -4.12 -5.04
CA MET A 316 19.57 -5.11 -5.53
C MET A 316 19.18 -4.76 -6.96
N SER A 317 18.93 -3.47 -7.21
CA SER A 317 18.57 -2.92 -8.50
C SER A 317 19.61 -3.32 -9.54
N ALA A 318 20.88 -3.08 -9.21
CA ALA A 318 21.99 -3.38 -10.12
C ALA A 318 22.00 -4.86 -10.49
N GLN A 319 21.83 -5.74 -9.50
CA GLN A 319 21.87 -7.18 -9.72
C GLN A 319 20.60 -7.62 -10.46
N LEU A 320 19.48 -6.92 -10.21
CA LEU A 320 18.21 -7.32 -10.79
C LEU A 320 18.18 -6.91 -12.27
N THR A 321 18.93 -5.85 -12.57
CA THR A 321 19.14 -5.41 -13.95
C THR A 321 19.77 -6.55 -14.74
N GLY A 322 20.83 -7.13 -14.18
CA GLY A 322 21.48 -8.29 -14.75
C GLY A 322 20.48 -9.40 -15.06
N VAL A 323 19.65 -9.72 -14.07
CA VAL A 323 18.70 -10.80 -14.19
C VAL A 323 17.68 -10.51 -15.30
N LEU A 324 17.22 -9.27 -15.41
CA LEU A 324 16.34 -8.95 -16.54
C LEU A 324 17.01 -9.34 -17.86
N ARG A 325 18.24 -8.86 -18.07
CA ARG A 325 19.04 -9.16 -19.25
C ARG A 325 19.09 -10.67 -19.48
N GLU A 326 19.30 -11.46 -18.43
CA GLU A 326 19.34 -12.91 -18.54
C GLU A 326 17.95 -13.47 -18.89
N VAL A 327 16.87 -12.84 -18.41
CA VAL A 327 15.51 -13.37 -18.56
C VAL A 327 15.03 -13.17 -19.99
N VAL A 328 15.30 -11.96 -20.51
CA VAL A 328 14.99 -11.57 -21.89
C VAL A 328 15.71 -12.50 -22.87
N ALA A 329 17.00 -12.77 -22.59
CA ALA A 329 17.87 -13.62 -23.41
C ALA A 329 17.28 -15.01 -23.54
N GLN A 330 16.87 -15.58 -22.40
CA GLN A 330 16.35 -16.93 -22.33
C GLN A 330 14.94 -17.03 -22.92
N ASP A 331 14.20 -15.92 -22.93
CA ASP A 331 12.86 -15.88 -23.51
C ASP A 331 12.89 -16.19 -25.00
N THR A 332 14.08 -16.12 -25.62
CA THR A 332 14.37 -16.25 -27.05
C THR A 332 14.24 -14.88 -27.72
#